data_2BTP
#
_entry.id   2BTP
#
_cell.length_a   61.307
_cell.length_b   85.964
_cell.length_c   64.666
_cell.angle_alpha   90.00
_cell.angle_beta   112.67
_cell.angle_gamma   90.00
#
_symmetry.space_group_name_H-M   'P 1 21 1'
#
loop_
_entity.id
_entity.type
_entity.pdbx_description
1 polymer '14-3-3 PROTEIN TAU'
2 polymer 'CONSENSUS PEPTIDE FOR 14-3-3 PROTEINS'
#
loop_
_entity_poly.entity_id
_entity_poly.type
_entity_poly.pdbx_seq_one_letter_code
_entity_poly.pdbx_strand_id
1 'polypeptide(L)'
;MHHHHHHSSGVDLGTENLYFQSMEKTELIQKAKLAEQAERYDDMATCMKAVTEQGAELSNEERNLLSVAYKNVVGGRRSA
WRVISSIEQKTDTSDKKLQLIKDYREKVESELRSICTTVLELLDKYLIANATNPESKVFYLKMKGDYFRYLAEVACGDDR
KQTIDNSQGAYQEAFDISKKEMQPTHPIRLGLALNFSVFYYEILNNPELACTLAKTAFDEAIAELDTLNEDSYKDSTLIM
QLLRDNLTLWTSDSAG
;
A,B
2 'polypeptide(L)' RQR(SEP)AP P,Q
#
# COMPACT_ATOMS: atom_id res chain seq x y z
N MET A 1 12.80 -11.90 -10.83
CA MET A 1 11.66 -10.93 -10.82
C MET A 1 12.02 -9.43 -10.95
N HIS A 2 13.31 -9.16 -10.78
CA HIS A 2 14.01 -8.05 -11.42
C HIS A 2 13.66 -7.98 -12.92
N HIS A 3 13.18 -9.09 -13.50
CA HIS A 3 12.67 -9.13 -14.88
C HIS A 3 11.16 -9.29 -14.97
N HIS A 4 10.41 -8.69 -14.04
CA HIS A 4 8.93 -8.72 -14.10
C HIS A 4 8.28 -7.33 -14.00
N HIS A 5 6.98 -7.30 -14.27
CA HIS A 5 6.21 -6.07 -14.28
C HIS A 5 4.73 -6.39 -14.19
N HIS A 6 3.99 -5.53 -13.48
CA HIS A 6 2.52 -5.57 -13.37
C HIS A 6 1.94 -4.25 -13.88
N HIS A 7 0.91 -4.34 -14.71
CA HIS A 7 0.17 -3.16 -15.17
C HIS A 7 -0.83 -2.69 -14.12
N SER A 8 -0.94 -1.36 -14.03
CA SER A 8 -2.07 -0.68 -13.37
C SER A 8 -3.38 -1.47 -13.38
N SER A 9 -3.78 -1.89 -14.58
CA SER A 9 -5.05 -2.57 -14.83
C SER A 9 -5.13 -3.99 -14.25
N GLY A 10 -4.12 -4.40 -13.49
CA GLY A 10 -4.07 -5.76 -12.94
C GLY A 10 -3.86 -6.87 -13.98
N VAL A 11 -3.23 -6.53 -15.11
CA VAL A 11 -2.65 -7.52 -16.04
C VAL A 11 -1.13 -7.36 -15.94
N ASP A 12 -0.41 -8.47 -16.04
CA ASP A 12 1.01 -8.46 -15.79
C ASP A 12 1.81 -9.06 -16.97
N LEU A 13 3.13 -9.07 -16.80
CA LEU A 13 4.04 -9.60 -17.77
C LEU A 13 3.84 -11.11 -17.91
N GLY A 14 3.14 -11.76 -16.97
CA GLY A 14 2.72 -13.17 -17.09
C GLY A 14 3.66 -14.18 -16.45
N THR A 15 3.13 -15.31 -16.01
CA THR A 15 3.96 -16.30 -15.33
C THR A 15 4.02 -17.58 -16.08
N GLU A 16 3.24 -17.68 -17.15
CA GLU A 16 3.09 -18.97 -17.85
C GLU A 16 4.21 -19.12 -18.87
N ASN A 17 5.43 -19.25 -18.38
CA ASN A 17 6.60 -19.13 -19.22
C ASN A 17 7.85 -19.75 -18.62
N LEU A 18 8.87 -19.95 -19.46
CA LEU A 18 10.12 -20.59 -19.06
C LEU A 18 10.81 -19.89 -17.88
N TYR A 19 10.80 -18.56 -17.90
CA TYR A 19 11.41 -17.79 -16.84
C TYR A 19 10.94 -18.22 -15.46
N PHE A 20 9.63 -18.15 -15.20
CA PHE A 20 9.05 -18.64 -13.95
C PHE A 20 9.03 -20.16 -13.80
N GLN A 21 8.83 -20.89 -14.89
CA GLN A 21 8.88 -22.36 -14.86
C GLN A 21 10.27 -22.94 -14.61
N SER A 22 11.33 -22.16 -14.83
CA SER A 22 12.67 -22.70 -14.67
C SER A 22 13.21 -22.35 -13.28
N MET A 23 12.40 -21.64 -12.51
CA MET A 23 12.77 -21.28 -11.15
C MET A 23 12.42 -22.36 -10.19
N GLU A 24 13.24 -22.46 -9.15
CA GLU A 24 13.00 -23.39 -8.07
C GLU A 24 11.96 -22.81 -7.15
N LYS A 25 11.03 -23.64 -6.73
CA LYS A 25 10.05 -23.32 -5.70
C LYS A 25 10.68 -22.57 -4.53
N THR A 26 11.78 -23.11 -4.01
CA THR A 26 12.42 -22.53 -2.84
C THR A 26 12.78 -21.07 -3.05
N GLU A 27 13.21 -20.74 -4.27
CA GLU A 27 13.47 -19.35 -4.68
C GLU A 27 12.22 -18.48 -4.63
N LEU A 28 11.21 -18.92 -5.38
CA LEU A 28 9.94 -18.22 -5.45
C LEU A 28 9.34 -17.95 -4.07
N ILE A 29 9.47 -18.93 -3.20
CA ILE A 29 9.00 -18.80 -1.84
C ILE A 29 9.76 -17.75 -1.06
N GLN A 30 11.07 -17.73 -1.21
CA GLN A 30 11.85 -16.71 -0.55
C GLN A 30 11.56 -15.33 -1.15
N LYS A 31 11.39 -15.26 -2.48
CA LYS A 31 11.00 -14.01 -3.15
C LYS A 31 9.69 -13.49 -2.56
N ALA A 32 8.79 -14.41 -2.27
CA ALA A 32 7.53 -14.04 -1.71
C ALA A 32 7.67 -13.55 -0.28
N LYS A 33 8.49 -14.22 0.51
CA LYS A 33 8.58 -13.85 1.93
C LYS A 33 9.20 -12.48 2.06
N LEU A 34 10.14 -12.21 1.15
CA LEU A 34 10.74 -10.89 1.05
C LEU A 34 9.69 -9.88 0.68
N ALA A 35 9.13 -10.02 -0.52
CA ALA A 35 8.06 -9.15 -0.97
C ALA A 35 7.05 -8.87 0.14
N GLU A 36 6.76 -9.86 0.94
CA GLU A 36 5.83 -9.66 2.03
C GLU A 36 6.42 -8.69 3.07
N GLN A 37 7.65 -8.96 3.52
CA GLN A 37 8.31 -8.09 4.47
C GLN A 37 8.32 -6.65 3.90
N ALA A 38 8.54 -6.57 2.59
CA ALA A 38 8.69 -5.29 1.89
C ALA A 38 7.36 -4.69 1.48
N GLU A 39 6.27 -5.33 1.91
CA GLU A 39 4.92 -4.92 1.59
C GLU A 39 4.63 -4.74 0.09
N ARG A 40 5.31 -5.52 -0.76
CA ARG A 40 5.10 -5.48 -2.21
C ARG A 40 4.29 -6.69 -2.68
N TYR A 41 2.98 -6.54 -2.64
CA TYR A 41 2.11 -7.68 -2.77
C TYR A 41 1.86 -8.15 -4.21
N ASP A 42 2.02 -7.27 -5.18
CA ASP A 42 1.98 -7.68 -6.58
C ASP A 42 3.04 -8.73 -6.79
N ASP A 43 4.26 -8.45 -6.32
CA ASP A 43 5.38 -9.37 -6.47
C ASP A 43 5.05 -10.70 -5.77
N MET A 44 4.61 -10.59 -4.52
CA MET A 44 4.33 -11.75 -3.70
C MET A 44 3.28 -12.61 -4.39
N ALA A 45 2.22 -11.98 -4.85
CA ALA A 45 1.20 -12.69 -5.60
C ALA A 45 1.76 -13.44 -6.80
N THR A 46 2.51 -12.73 -7.64
CA THR A 46 3.09 -13.31 -8.82
C THR A 46 3.85 -14.54 -8.42
N CYS A 47 4.68 -14.40 -7.41
CA CYS A 47 5.46 -15.52 -6.94
C CYS A 47 4.62 -16.71 -6.59
N MET A 48 3.52 -16.49 -5.89
CA MET A 48 2.74 -17.62 -5.39
C MET A 48 1.94 -18.24 -6.52
N LYS A 49 1.40 -17.38 -7.36
CA LYS A 49 0.73 -17.83 -8.57
C LYS A 49 1.63 -18.79 -9.33
N ALA A 50 2.91 -18.45 -9.43
CA ALA A 50 3.86 -19.29 -10.13
C ALA A 50 4.15 -20.58 -9.37
N VAL A 51 4.16 -20.52 -8.04
CA VAL A 51 4.33 -21.71 -7.21
C VAL A 51 3.15 -22.63 -7.37
N THR A 52 1.95 -22.04 -7.45
CA THR A 52 0.72 -22.82 -7.66
C THR A 52 0.68 -23.49 -9.02
N GLU A 53 1.13 -22.77 -10.04
CA GLU A 53 1.08 -23.25 -11.41
C GLU A 53 2.02 -24.41 -11.69
N GLN A 54 2.99 -24.64 -10.79
CA GLN A 54 3.83 -25.86 -10.83
C GLN A 54 2.98 -27.11 -10.51
N GLY A 55 1.88 -26.89 -9.82
CA GLY A 55 0.86 -27.90 -9.75
C GLY A 55 1.00 -28.89 -8.62
N ALA A 56 1.94 -28.64 -7.71
CA ALA A 56 2.08 -29.45 -6.51
C ALA A 56 1.11 -28.88 -5.51
N GLU A 57 0.78 -29.67 -4.50
CA GLU A 57 -0.08 -29.17 -3.45
C GLU A 57 0.66 -28.16 -2.64
N LEU A 58 -0.02 -27.13 -2.17
CA LEU A 58 0.66 -26.15 -1.34
C LEU A 58 0.68 -26.59 0.12
N SER A 59 1.80 -26.37 0.78
CA SER A 59 1.92 -26.59 2.19
C SER A 59 1.10 -25.53 2.87
N ASN A 60 1.01 -25.62 4.18
CA ASN A 60 0.28 -24.63 4.96
C ASN A 60 0.81 -23.22 4.84
N GLU A 61 2.11 -23.09 5.08
CA GLU A 61 2.77 -21.82 4.98
C GLU A 61 2.52 -21.25 3.58
N GLU A 62 2.61 -22.10 2.56
CA GLU A 62 2.38 -21.72 1.16
C GLU A 62 0.94 -21.23 0.90
N ARG A 63 -0.06 -21.95 1.39
CA ARG A 63 -1.44 -21.46 1.35
C ARG A 63 -1.60 -20.04 1.83
N ASN A 64 -1.00 -19.73 2.98
CA ASN A 64 -1.19 -18.45 3.64
C ASN A 64 -0.47 -17.30 2.93
N LEU A 65 0.75 -17.56 2.46
CA LEU A 65 1.43 -16.64 1.58
C LEU A 65 0.53 -16.31 0.38
N LEU A 66 -0.06 -17.32 -0.26
CA LEU A 66 -0.96 -17.06 -1.37
C LEU A 66 -2.12 -16.22 -0.96
N SER A 67 -2.72 -16.61 0.14
CA SER A 67 -3.90 -15.93 0.65
C SER A 67 -3.62 -14.48 0.97
N VAL A 68 -2.58 -14.24 1.75
CA VAL A 68 -2.20 -12.90 2.14
C VAL A 68 -1.87 -12.06 0.94
N ALA A 69 -1.13 -12.63 -0.02
CA ALA A 69 -0.75 -11.85 -1.20
C ALA A 69 -1.99 -11.29 -1.86
N TYR A 70 -2.85 -12.20 -2.32
CA TYR A 70 -4.03 -11.77 -3.04
C TYR A 70 -4.96 -10.92 -2.19
N LYS A 71 -5.08 -11.23 -0.90
CA LYS A 71 -5.88 -10.41 -0.01
C LYS A 71 -5.51 -8.90 -0.11
N ASN A 72 -4.22 -8.62 -0.06
CA ASN A 72 -3.75 -7.25 -0.12
C ASN A 72 -3.90 -6.61 -1.50
N VAL A 73 -3.61 -7.40 -2.53
CA VAL A 73 -3.80 -6.93 -3.89
C VAL A 73 -5.25 -6.57 -4.11
N VAL A 74 -6.17 -7.48 -3.87
CA VAL A 74 -7.57 -7.17 -4.10
C VAL A 74 -8.12 -6.20 -3.09
N GLY A 75 -7.62 -6.23 -1.86
CA GLY A 75 -8.13 -5.35 -0.82
C GLY A 75 -7.95 -3.88 -1.13
N GLY A 76 -6.88 -3.58 -1.84
CA GLY A 76 -6.56 -2.24 -2.21
C GLY A 76 -7.56 -1.67 -3.15
N ARG A 77 -8.10 -2.51 -4.03
CA ARG A 77 -9.19 -2.08 -4.91
C ARG A 77 -10.51 -1.88 -4.18
N ARG A 78 -10.83 -2.79 -3.26
CA ARG A 78 -12.15 -2.76 -2.62
C ARG A 78 -12.28 -1.47 -1.80
N SER A 79 -11.22 -1.20 -1.07
CA SER A 79 -11.09 0.05 -0.38
C SER A 79 -11.39 1.26 -1.29
N ALA A 80 -10.65 1.36 -2.40
CA ALA A 80 -10.77 2.47 -3.32
C ALA A 80 -12.18 2.53 -3.85
N TRP A 81 -12.76 1.36 -4.14
CA TRP A 81 -14.10 1.31 -4.71
C TRP A 81 -15.13 1.93 -3.75
N ARG A 82 -14.98 1.65 -2.46
CA ARG A 82 -15.90 2.21 -1.47
C ARG A 82 -15.77 3.72 -1.35
N VAL A 83 -14.53 4.18 -1.34
CA VAL A 83 -14.28 5.59 -1.28
C VAL A 83 -14.97 6.26 -2.46
N ILE A 84 -14.73 5.74 -3.65
CA ILE A 84 -15.25 6.38 -4.84
C ILE A 84 -16.78 6.40 -4.80
N SER A 85 -17.40 5.23 -4.65
CA SER A 85 -18.87 5.18 -4.67
C SER A 85 -19.48 6.06 -3.59
N SER A 86 -18.86 6.09 -2.41
CA SER A 86 -19.30 6.98 -1.33
C SER A 86 -19.29 8.46 -1.74
N ILE A 87 -18.20 8.89 -2.36
CA ILE A 87 -18.10 10.24 -2.94
C ILE A 87 -19.15 10.47 -4.06
N GLU A 88 -19.47 9.42 -4.81
CA GLU A 88 -20.50 9.46 -5.87
C GLU A 88 -21.90 9.62 -5.30
N GLN A 89 -22.25 8.72 -4.39
CA GLN A 89 -23.49 8.77 -3.62
C GLN A 89 -23.68 10.09 -2.86
N LYS A 90 -22.59 10.77 -2.47
CA LYS A 90 -22.74 12.05 -1.77
C LYS A 90 -23.12 13.21 -2.69
N THR A 91 -22.76 13.12 -3.97
CA THR A 91 -23.11 14.20 -4.93
C THR A 91 -24.59 14.26 -5.29
N LYS A 96 -22.31 16.69 -14.53
CA LYS A 96 -21.07 16.79 -15.30
C LYS A 96 -19.88 15.99 -14.67
N LYS A 97 -19.56 16.31 -13.41
CA LYS A 97 -18.49 15.59 -12.67
C LYS A 97 -18.85 14.18 -12.30
N LEU A 98 -20.13 13.83 -12.37
CA LEU A 98 -20.55 12.45 -11.99
C LEU A 98 -20.24 11.43 -13.05
N GLN A 99 -20.19 11.84 -14.33
CA GLN A 99 -19.75 10.92 -15.36
C GLN A 99 -18.33 10.50 -14.98
N LEU A 100 -17.50 11.52 -14.78
CA LEU A 100 -16.09 11.32 -14.52
C LEU A 100 -15.81 10.40 -13.34
N ILE A 101 -16.53 10.61 -12.24
CA ILE A 101 -16.45 9.71 -11.06
C ILE A 101 -16.85 8.30 -11.39
N LYS A 102 -17.94 8.17 -12.14
CA LYS A 102 -18.52 6.86 -12.47
C LYS A 102 -17.57 6.06 -13.33
N ASP A 103 -16.99 6.72 -14.32
CA ASP A 103 -15.95 6.11 -15.14
C ASP A 103 -14.79 5.58 -14.28
N TYR A 104 -14.38 6.36 -13.28
CA TYR A 104 -13.24 5.98 -12.44
C TYR A 104 -13.58 4.80 -11.56
N ARG A 105 -14.79 4.80 -11.01
CA ARG A 105 -15.32 3.62 -10.29
C ARG A 105 -15.24 2.36 -11.14
N GLU A 106 -15.56 2.49 -12.43
CA GLU A 106 -15.51 1.36 -13.35
C GLU A 106 -14.08 0.95 -13.69
N LYS A 107 -13.16 1.88 -13.78
CA LYS A 107 -11.78 1.45 -13.95
C LYS A 107 -11.38 0.54 -12.80
N VAL A 108 -11.75 0.91 -11.58
CA VAL A 108 -11.43 0.10 -10.42
C VAL A 108 -12.13 -1.23 -10.48
N GLU A 109 -13.42 -1.22 -10.76
CA GLU A 109 -14.17 -2.45 -10.92
C GLU A 109 -13.44 -3.41 -11.85
N SER A 110 -13.06 -2.97 -13.05
CA SER A 110 -12.33 -3.83 -13.99
C SER A 110 -11.13 -4.46 -13.40
N GLU A 111 -10.40 -3.70 -12.60
CA GLU A 111 -9.26 -4.22 -11.89
C GLU A 111 -9.68 -5.26 -10.84
N LEU A 112 -10.76 -4.99 -10.14
CA LEU A 112 -11.21 -5.90 -9.13
C LEU A 112 -11.50 -7.25 -9.74
N ARG A 113 -12.13 -7.22 -10.90
CA ARG A 113 -12.52 -8.42 -11.58
C ARG A 113 -11.35 -9.26 -12.07
N SER A 114 -10.35 -8.68 -12.72
CA SER A 114 -9.23 -9.49 -13.19
C SER A 114 -8.55 -10.25 -12.09
N ILE A 115 -8.40 -9.55 -10.96
CA ILE A 115 -7.77 -10.09 -9.79
C ILE A 115 -8.65 -11.24 -9.28
N CYS A 116 -9.96 -11.01 -9.14
CA CYS A 116 -10.85 -12.09 -8.76
C CYS A 116 -10.85 -13.25 -9.74
N THR A 117 -10.98 -12.94 -11.02
CA THR A 117 -10.92 -13.97 -12.04
C THR A 117 -9.65 -14.77 -11.95
N THR A 118 -8.53 -14.09 -11.82
CA THR A 118 -7.25 -14.75 -11.71
C THR A 118 -7.24 -15.75 -10.56
N VAL A 119 -7.70 -15.28 -9.41
CA VAL A 119 -7.76 -16.10 -8.22
C VAL A 119 -8.75 -17.26 -8.35
N LEU A 120 -9.93 -16.98 -8.88
CA LEU A 120 -10.93 -18.02 -9.09
C LEU A 120 -10.41 -19.07 -10.05
N GLU A 121 -9.61 -18.63 -11.01
CA GLU A 121 -9.01 -19.49 -12.00
C GLU A 121 -8.01 -20.42 -11.36
N LEU A 122 -7.13 -19.86 -10.55
CA LEU A 122 -6.20 -20.66 -9.75
C LEU A 122 -6.91 -21.66 -8.84
N LEU A 123 -7.95 -21.22 -8.15
CA LEU A 123 -8.69 -22.15 -7.33
C LEU A 123 -9.26 -23.31 -8.17
N ASP A 124 -9.85 -23.03 -9.33
CA ASP A 124 -10.45 -24.10 -10.15
C ASP A 124 -9.44 -24.99 -10.87
N LYS A 125 -8.42 -24.39 -11.47
CA LYS A 125 -7.50 -25.17 -12.29
C LYS A 125 -6.56 -25.99 -11.42
N TYR A 126 -6.24 -25.48 -10.24
CA TYR A 126 -5.15 -26.07 -9.44
C TYR A 126 -5.55 -26.47 -8.00
N LEU A 127 -5.98 -25.50 -7.22
CA LEU A 127 -5.93 -25.65 -5.77
C LEU A 127 -6.93 -26.61 -5.21
N ILE A 128 -8.18 -26.40 -5.59
CA ILE A 128 -9.28 -27.29 -5.20
C ILE A 128 -9.14 -28.65 -5.88
N ALA A 129 -8.90 -28.63 -7.19
CA ALA A 129 -8.70 -29.85 -7.98
C ALA A 129 -7.88 -30.92 -7.23
N ASN A 130 -6.75 -30.47 -6.66
CA ASN A 130 -5.77 -31.33 -5.99
C ASN A 130 -5.81 -31.27 -4.46
N ALA A 131 -6.93 -30.86 -3.88
CA ALA A 131 -6.96 -30.58 -2.45
C ALA A 131 -6.48 -31.78 -1.61
N THR A 132 -6.97 -33.00 -1.79
CA THR A 132 -6.31 -34.13 -1.08
C THR A 132 -6.33 -34.15 0.46
N ASN A 133 -7.11 -33.28 1.09
CA ASN A 133 -7.45 -33.39 2.50
C ASN A 133 -8.53 -32.33 2.86
N PRO A 134 -9.35 -32.61 3.88
CA PRO A 134 -10.43 -31.69 4.28
C PRO A 134 -10.04 -30.23 4.65
N GLU A 135 -9.03 -30.06 5.51
CA GLU A 135 -8.60 -28.73 5.92
C GLU A 135 -8.30 -27.83 4.68
N SER A 136 -7.52 -28.36 3.75
CA SER A 136 -7.17 -27.67 2.51
C SER A 136 -8.39 -27.37 1.66
N LYS A 137 -9.18 -28.39 1.40
CA LYS A 137 -10.42 -28.21 0.67
C LYS A 137 -11.24 -27.08 1.29
N VAL A 138 -11.32 -27.03 2.62
CA VAL A 138 -12.09 -25.98 3.27
C VAL A 138 -11.51 -24.60 3.06
N PHE A 139 -10.21 -24.50 3.20
CA PHE A 139 -9.50 -23.26 2.90
C PHE A 139 -9.80 -22.77 1.47
N TYR A 140 -9.66 -23.65 0.49
CA TYR A 140 -9.88 -23.21 -0.90
C TYR A 140 -11.35 -22.89 -1.25
N LEU A 141 -12.28 -23.67 -0.74
CA LEU A 141 -13.70 -23.34 -0.93
C LEU A 141 -14.05 -22.03 -0.22
N LYS A 142 -13.55 -21.82 1.00
CA LYS A 142 -13.75 -20.53 1.66
C LYS A 142 -13.24 -19.38 0.79
N MET A 143 -12.09 -19.59 0.17
CA MET A 143 -11.48 -18.57 -0.63
C MET A 143 -12.30 -18.28 -1.87
N LYS A 144 -12.68 -19.35 -2.56
CA LYS A 144 -13.61 -19.27 -3.65
C LYS A 144 -14.83 -18.48 -3.21
N GLY A 145 -15.37 -18.79 -2.04
CA GLY A 145 -16.48 -18.01 -1.49
C GLY A 145 -16.17 -16.53 -1.39
N ASP A 146 -14.99 -16.22 -0.84
CA ASP A 146 -14.60 -14.84 -0.59
C ASP A 146 -14.49 -14.05 -1.88
N TYR A 147 -13.77 -14.61 -2.85
CA TYR A 147 -13.53 -13.85 -4.09
C TYR A 147 -14.81 -13.67 -4.92
N PHE A 148 -15.71 -14.64 -4.88
CA PHE A 148 -17.03 -14.40 -5.45
C PHE A 148 -17.77 -13.32 -4.68
N ARG A 149 -17.59 -13.24 -3.34
CA ARG A 149 -18.21 -12.18 -2.55
C ARG A 149 -17.69 -10.78 -2.91
N TYR A 150 -16.39 -10.68 -3.14
CA TYR A 150 -15.81 -9.42 -3.58
C TYR A 150 -16.40 -9.00 -4.92
N LEU A 151 -16.60 -9.95 -5.82
CA LEU A 151 -17.31 -9.66 -7.05
C LEU A 151 -18.71 -9.16 -6.78
N ALA A 152 -19.41 -9.80 -5.86
CA ALA A 152 -20.82 -9.42 -5.57
C ALA A 152 -20.96 -8.02 -4.98
N GLU A 153 -19.96 -7.58 -4.24
CA GLU A 153 -19.94 -6.22 -3.72
C GLU A 153 -20.03 -5.15 -4.80
N VAL A 154 -19.60 -5.51 -6.02
CA VAL A 154 -19.65 -4.55 -7.09
C VAL A 154 -20.52 -4.99 -8.23
N ALA A 155 -21.03 -6.22 -8.20
CA ALA A 155 -21.91 -6.73 -9.27
C ALA A 155 -23.27 -6.08 -9.25
N CYS A 156 -24.01 -6.23 -10.34
CA CYS A 156 -25.36 -5.64 -10.54
C CYS A 156 -26.27 -6.57 -11.43
N GLY A 157 -27.49 -6.13 -11.72
CA GLY A 157 -28.46 -6.95 -12.46
C GLY A 157 -28.40 -8.43 -12.09
N ASP A 158 -28.33 -9.28 -13.12
CA ASP A 158 -28.34 -10.74 -12.95
C ASP A 158 -26.91 -11.32 -12.80
N ASP A 159 -25.93 -10.57 -13.32
CA ASP A 159 -24.54 -10.76 -12.96
C ASP A 159 -24.46 -10.89 -11.44
N ARG A 160 -25.20 -10.05 -10.74
CA ARG A 160 -25.23 -10.12 -9.30
C ARG A 160 -25.76 -11.46 -8.81
N LYS A 161 -26.84 -11.95 -9.42
CA LYS A 161 -27.46 -13.20 -8.96
C LYS A 161 -26.51 -14.37 -9.10
N GLN A 162 -25.91 -14.51 -10.28
CA GLN A 162 -24.96 -15.61 -10.57
C GLN A 162 -23.83 -15.58 -9.55
N THR A 163 -23.18 -14.42 -9.46
CA THR A 163 -22.11 -14.18 -8.48
C THR A 163 -22.48 -14.66 -7.08
N ILE A 164 -23.64 -14.22 -6.61
CA ILE A 164 -24.08 -14.55 -5.27
C ILE A 164 -24.26 -16.06 -5.12
N ASP A 165 -24.98 -16.66 -6.06
CA ASP A 165 -25.18 -18.08 -6.00
C ASP A 165 -23.83 -18.77 -5.90
N ASN A 166 -22.88 -18.38 -6.73
CA ASN A 166 -21.57 -19.06 -6.75
C ASN A 166 -20.76 -18.93 -5.46
N SER A 167 -20.86 -17.76 -4.80
CA SER A 167 -20.30 -17.58 -3.47
C SER A 167 -20.99 -18.49 -2.46
N GLN A 168 -22.33 -18.47 -2.43
CA GLN A 168 -23.09 -19.27 -1.49
C GLN A 168 -22.79 -20.78 -1.60
N GLY A 169 -22.71 -21.28 -2.81
CA GLY A 169 -22.40 -22.66 -3.00
C GLY A 169 -21.04 -23.04 -2.46
N ALA A 170 -20.07 -22.16 -2.59
CA ALA A 170 -18.70 -22.50 -2.12
C ALA A 170 -18.63 -22.52 -0.60
N TYR A 171 -19.11 -21.45 0.01
CA TYR A 171 -19.22 -21.35 1.43
C TYR A 171 -19.95 -22.52 2.02
N GLN A 172 -21.13 -22.83 1.47
CA GLN A 172 -21.95 -23.89 2.06
C GLN A 172 -21.20 -25.21 2.02
N GLU A 173 -20.52 -25.48 0.92
CA GLU A 173 -19.85 -26.74 0.81
C GLU A 173 -18.77 -26.75 1.85
N ALA A 174 -18.02 -25.65 1.94
CA ALA A 174 -16.98 -25.50 2.96
C ALA A 174 -17.53 -25.65 4.38
N PHE A 175 -18.69 -25.05 4.60
CA PHE A 175 -19.30 -25.07 5.91
C PHE A 175 -19.57 -26.50 6.35
N ASP A 176 -20.19 -27.28 5.46
CA ASP A 176 -20.48 -28.68 5.73
C ASP A 176 -19.22 -29.44 6.02
N ILE A 177 -18.25 -29.40 5.14
CA ILE A 177 -17.04 -30.16 5.38
C ILE A 177 -16.39 -29.74 6.72
N SER A 178 -16.30 -28.44 6.97
CA SER A 178 -15.66 -28.01 8.21
C SER A 178 -16.37 -28.60 9.43
N LYS A 179 -17.70 -28.60 9.41
CA LYS A 179 -18.48 -29.22 10.48
C LYS A 179 -18.26 -30.73 10.60
N LYS A 180 -18.03 -31.41 9.49
CA LYS A 180 -17.87 -32.86 9.51
C LYS A 180 -16.47 -33.23 10.02
N GLU A 181 -15.47 -32.39 9.74
CA GLU A 181 -14.04 -32.79 9.81
C GLU A 181 -13.14 -32.06 10.80
N MET A 182 -13.53 -30.86 11.20
CA MET A 182 -12.65 -29.98 11.97
C MET A 182 -13.22 -29.62 13.34
N GLN A 183 -12.30 -29.37 14.27
CA GLN A 183 -12.66 -28.92 15.60
C GLN A 183 -13.21 -27.53 15.49
N PRO A 184 -14.21 -27.18 16.33
CA PRO A 184 -14.85 -25.86 16.28
C PRO A 184 -13.95 -24.68 16.64
N THR A 185 -12.77 -24.98 17.19
CA THR A 185 -11.75 -23.96 17.48
C THR A 185 -10.78 -23.77 16.35
N HIS A 186 -10.79 -24.66 15.36
CA HIS A 186 -9.88 -24.52 14.23
C HIS A 186 -10.01 -23.15 13.56
N PRO A 187 -8.90 -22.43 13.45
CA PRO A 187 -9.00 -21.08 12.88
C PRO A 187 -9.56 -21.04 11.45
N ILE A 188 -9.34 -22.07 10.65
CA ILE A 188 -9.89 -22.05 9.30
C ILE A 188 -11.40 -22.11 9.37
N ARG A 189 -11.90 -23.00 10.22
CA ARG A 189 -13.34 -23.14 10.38
C ARG A 189 -14.01 -21.91 10.94
N LEU A 190 -13.42 -21.35 11.99
CA LEU A 190 -13.87 -20.09 12.52
C LEU A 190 -13.84 -18.98 11.45
N GLY A 191 -12.72 -18.85 10.73
CA GLY A 191 -12.58 -17.86 9.65
C GLY A 191 -13.65 -18.03 8.60
N LEU A 192 -13.94 -19.27 8.23
CA LEU A 192 -15.04 -19.53 7.33
C LEU A 192 -16.38 -19.09 7.87
N ALA A 193 -16.68 -19.45 9.12
CA ALA A 193 -17.91 -18.98 9.79
C ALA A 193 -17.99 -17.47 9.78
N LEU A 194 -16.91 -16.83 10.14
CA LEU A 194 -16.87 -15.38 10.10
C LEU A 194 -17.25 -14.82 8.73
N ASN A 195 -16.63 -15.34 7.67
CA ASN A 195 -16.84 -14.75 6.35
C ASN A 195 -18.21 -15.11 5.82
N PHE A 196 -18.62 -16.37 6.03
CA PHE A 196 -19.97 -16.80 5.68
C PHE A 196 -21.04 -15.90 6.33
N SER A 197 -20.86 -15.52 7.61
CA SER A 197 -21.85 -14.72 8.31
C SER A 197 -21.90 -13.32 7.73
N VAL A 198 -20.74 -12.83 7.31
CA VAL A 198 -20.64 -11.51 6.70
C VAL A 198 -21.38 -11.51 5.38
N PHE A 199 -21.20 -12.60 4.64
CA PHE A 199 -21.95 -12.83 3.43
C PHE A 199 -23.44 -12.75 3.72
N TYR A 200 -23.88 -13.46 4.75
CA TYR A 200 -25.30 -13.44 5.13
C TYR A 200 -25.72 -12.05 5.49
N TYR A 201 -24.88 -11.35 6.25
CA TYR A 201 -25.26 -10.01 6.72
C TYR A 201 -25.26 -8.96 5.64
N GLU A 202 -24.25 -8.94 4.77
CA GLU A 202 -24.09 -7.77 3.91
C GLU A 202 -24.54 -8.02 2.47
N ILE A 203 -24.36 -9.27 2.01
CA ILE A 203 -24.73 -9.66 0.65
C ILE A 203 -26.19 -10.14 0.57
N LEU A 204 -26.57 -11.16 1.35
CA LEU A 204 -27.98 -11.62 1.35
C LEU A 204 -28.86 -10.72 2.16
N ASN A 205 -28.26 -10.01 3.11
CA ASN A 205 -29.01 -9.09 3.93
C ASN A 205 -30.02 -9.75 4.88
N ASN A 206 -29.77 -11.01 5.26
CA ASN A 206 -30.52 -11.68 6.33
C ASN A 206 -29.72 -11.44 7.64
N PRO A 207 -30.01 -10.37 8.36
CA PRO A 207 -29.12 -10.11 9.49
C PRO A 207 -29.23 -11.14 10.65
N GLU A 208 -30.40 -11.73 10.87
CA GLU A 208 -30.55 -12.62 12.01
C GLU A 208 -29.84 -13.94 11.76
N LEU A 209 -29.89 -14.42 10.52
CA LEU A 209 -29.14 -15.63 10.21
C LEU A 209 -27.66 -15.38 10.34
N ALA A 210 -27.22 -14.19 9.94
CA ALA A 210 -25.83 -13.78 10.11
C ALA A 210 -25.38 -13.87 11.56
N CYS A 211 -26.21 -13.35 12.45
CA CYS A 211 -25.91 -13.43 13.88
C CYS A 211 -25.89 -14.85 14.42
N THR A 212 -26.86 -15.67 14.02
CA THR A 212 -26.91 -17.03 14.51
C THR A 212 -25.71 -17.82 14.01
N LEU A 213 -25.31 -17.56 12.78
CA LEU A 213 -24.19 -18.25 12.18
C LEU A 213 -22.91 -17.98 12.98
N ALA A 214 -22.69 -16.71 13.29
CA ALA A 214 -21.58 -16.28 14.14
C ALA A 214 -21.69 -16.68 15.62
N LYS A 215 -22.81 -16.39 16.26
CA LYS A 215 -22.97 -16.76 17.67
C LYS A 215 -22.72 -18.24 17.83
N THR A 216 -23.22 -19.04 16.91
CA THR A 216 -23.08 -20.48 17.04
C THR A 216 -21.61 -20.89 17.03
N ALA A 217 -20.89 -20.43 16.01
CA ALA A 217 -19.50 -20.77 15.80
C ALA A 217 -18.66 -20.34 16.99
N PHE A 218 -18.90 -19.10 17.43
CA PHE A 218 -18.33 -18.54 18.66
C PHE A 218 -18.58 -19.47 19.86
N ASP A 219 -19.85 -19.65 20.21
CA ASP A 219 -20.24 -20.42 21.39
C ASP A 219 -19.59 -21.82 21.35
N GLU A 220 -19.64 -22.48 20.20
CA GLU A 220 -19.13 -23.86 20.09
C GLU A 220 -17.61 -23.90 20.25
N ALA A 221 -16.95 -22.83 19.86
CA ALA A 221 -15.52 -22.71 20.10
C ALA A 221 -15.27 -22.40 21.56
N ILE A 222 -15.99 -21.44 22.13
CA ILE A 222 -15.76 -21.06 23.53
C ILE A 222 -15.76 -22.26 24.47
N ALA A 223 -16.65 -23.22 24.22
CA ALA A 223 -16.73 -24.46 24.97
C ALA A 223 -15.39 -25.20 24.99
N GLU A 224 -14.85 -25.43 23.80
CA GLU A 224 -13.70 -26.31 23.61
C GLU A 224 -12.34 -25.56 23.71
N LEU A 225 -12.32 -24.40 24.36
CA LEU A 225 -11.09 -23.58 24.45
C LEU A 225 -10.10 -23.92 25.53
N ASP A 226 -10.53 -24.43 26.67
CA ASP A 226 -9.55 -24.86 27.64
C ASP A 226 -8.67 -26.03 27.10
N THR A 227 -9.12 -26.72 26.02
CA THR A 227 -8.25 -27.56 25.18
C THR A 227 -6.89 -26.96 24.94
N LEU A 228 -6.86 -25.73 24.43
CA LEU A 228 -5.69 -25.30 23.69
C LEU A 228 -4.51 -24.86 24.54
N ASN A 229 -3.34 -25.21 24.03
CA ASN A 229 -2.09 -24.58 24.42
C ASN A 229 -2.17 -23.09 24.03
N GLU A 230 -1.41 -22.25 24.70
CA GLU A 230 -1.24 -20.83 24.31
C GLU A 230 -1.14 -20.53 22.78
N ASP A 231 -0.21 -21.17 22.05
CA ASP A 231 0.06 -20.84 20.61
C ASP A 231 -1.18 -20.93 19.70
N SER A 232 -1.79 -22.12 19.63
CA SER A 232 -3.05 -22.31 18.88
C SER A 232 -4.16 -21.38 19.41
N TYR A 233 -4.28 -21.34 20.74
CA TYR A 233 -5.24 -20.46 21.40
C TYR A 233 -5.29 -19.04 20.78
N LYS A 234 -4.13 -18.35 20.77
CA LYS A 234 -3.98 -17.03 20.13
C LYS A 234 -4.52 -16.97 18.65
N ASP A 235 -4.28 -18.04 17.87
CA ASP A 235 -4.80 -18.10 16.48
C ASP A 235 -6.32 -18.03 16.42
N SER A 236 -6.95 -18.88 17.22
CA SER A 236 -8.39 -18.98 17.28
C SER A 236 -8.98 -17.71 17.81
N THR A 237 -8.46 -17.19 18.91
CA THR A 237 -9.11 -16.06 19.59
C THR A 237 -9.07 -14.79 18.77
N LEU A 238 -8.02 -14.62 17.98
CA LEU A 238 -7.95 -13.48 17.11
C LEU A 238 -9.22 -13.39 16.28
N ILE A 239 -9.66 -14.52 15.72
CA ILE A 239 -10.89 -14.61 14.90
C ILE A 239 -12.16 -14.50 15.72
N MET A 240 -12.16 -15.06 16.92
CA MET A 240 -13.34 -14.98 17.77
C MET A 240 -13.63 -13.58 18.20
N GLN A 241 -12.58 -12.85 18.48
CA GLN A 241 -12.73 -11.45 18.74
C GLN A 241 -13.56 -10.85 17.62
N LEU A 242 -13.23 -11.17 16.38
CA LEU A 242 -13.93 -10.61 15.22
C LEU A 242 -15.38 -11.04 15.16
N LEU A 243 -15.63 -12.33 15.41
CA LEU A 243 -17.00 -12.81 15.54
C LEU A 243 -17.80 -12.00 16.57
N ARG A 244 -17.25 -11.87 17.78
CA ARG A 244 -17.91 -11.17 18.86
C ARG A 244 -18.11 -9.69 18.53
N ASP A 245 -17.16 -9.09 17.82
CA ASP A 245 -17.27 -7.68 17.48
C ASP A 245 -18.40 -7.47 16.48
N ASN A 246 -18.38 -8.23 15.40
CA ASN A 246 -19.47 -8.22 14.44
C ASN A 246 -20.88 -8.35 15.12
N LEU A 247 -21.01 -9.28 16.07
CA LEU A 247 -22.27 -9.49 16.77
C LEU A 247 -22.68 -8.26 17.53
N THR A 248 -21.73 -7.62 18.17
CA THR A 248 -22.05 -6.43 18.93
C THR A 248 -22.66 -5.40 17.97
N LEU A 249 -21.96 -5.18 16.88
CA LEU A 249 -22.37 -4.17 15.89
C LEU A 249 -23.75 -4.49 15.29
N TRP A 250 -23.89 -5.72 14.80
CA TRP A 250 -25.13 -6.19 14.20
C TRP A 250 -26.26 -6.31 15.24
N THR A 251 -26.01 -5.92 16.48
CA THR A 251 -27.10 -5.73 17.45
C THR A 251 -27.05 -4.31 18.08
N SER A 252 -26.51 -3.34 17.31
CA SER A 252 -26.44 -1.93 17.74
C SER A 252 -27.19 -1.06 16.76
N GLU B 24 -9.36 19.75 -20.68
CA GLU B 24 -8.75 18.51 -20.07
C GLU B 24 -7.96 18.75 -18.79
N LYS B 25 -7.78 20.00 -18.32
CA LYS B 25 -6.95 20.25 -17.09
C LYS B 25 -7.77 20.18 -15.80
N THR B 26 -8.95 20.80 -15.80
CA THR B 26 -9.93 20.64 -14.71
C THR B 26 -10.27 19.16 -14.49
N GLU B 27 -10.36 18.39 -15.57
CA GLU B 27 -10.55 16.94 -15.50
C GLU B 27 -9.42 16.22 -14.76
N LEU B 28 -8.20 16.42 -15.25
CA LEU B 28 -7.04 15.79 -14.67
C LEU B 28 -6.94 16.06 -13.18
N ILE B 29 -7.26 17.29 -12.78
CA ILE B 29 -7.22 17.69 -11.39
C ILE B 29 -8.26 16.99 -10.52
N GLN B 30 -9.45 16.78 -11.06
CA GLN B 30 -10.46 16.05 -10.32
C GLN B 30 -10.10 14.60 -10.18
N LYS B 31 -9.64 13.98 -11.28
CA LYS B 31 -9.16 12.59 -11.20
C LYS B 31 -8.02 12.48 -10.18
N ALA B 32 -7.16 13.49 -10.10
CA ALA B 32 -6.09 13.46 -9.09
C ALA B 32 -6.64 13.53 -7.66
N LYS B 33 -7.67 14.33 -7.45
CA LYS B 33 -8.24 14.47 -6.12
C LYS B 33 -8.97 13.23 -5.73
N LEU B 34 -9.62 12.59 -6.71
CA LEU B 34 -10.19 11.27 -6.51
C LEU B 34 -9.11 10.28 -6.14
N ALA B 35 -8.21 10.01 -7.09
CA ALA B 35 -7.14 9.08 -6.88
C ALA B 35 -6.60 9.25 -5.48
N GLU B 36 -6.48 10.48 -5.02
CA GLU B 36 -5.93 10.74 -3.71
C GLU B 36 -6.82 10.19 -2.61
N GLN B 37 -8.11 10.51 -2.68
CA GLN B 37 -9.07 10.00 -1.74
C GLN B 37 -9.02 8.45 -1.76
N ALA B 38 -8.83 7.89 -2.94
CA ALA B 38 -8.84 6.45 -3.13
C ALA B 38 -7.47 5.84 -2.89
N GLU B 39 -6.52 6.66 -2.44
CA GLU B 39 -5.15 6.24 -2.17
C GLU B 39 -4.48 5.55 -3.36
N ARG B 40 -4.82 5.98 -4.57
CA ARG B 40 -4.19 5.45 -5.77
C ARG B 40 -3.21 6.46 -6.35
N TYR B 41 -1.98 6.41 -5.86
CA TYR B 41 -1.04 7.46 -6.11
C TYR B 41 -0.38 7.37 -7.47
N ASP B 42 -0.28 6.17 -8.04
CA ASP B 42 0.21 6.05 -9.44
C ASP B 42 -0.66 6.94 -10.32
N ASP B 43 -1.97 6.73 -10.22
CA ASP B 43 -2.93 7.51 -11.00
C ASP B 43 -2.76 8.99 -10.72
N MET B 44 -2.74 9.33 -9.44
CA MET B 44 -2.63 10.70 -9.04
C MET B 44 -1.40 11.32 -9.69
N ALA B 45 -0.29 10.62 -9.61
CA ALA B 45 0.96 11.07 -10.22
C ALA B 45 0.80 11.30 -11.72
N THR B 46 0.34 10.28 -12.40
CA THR B 46 0.18 10.38 -13.84
C THR B 46 -0.57 11.64 -14.20
N CYS B 47 -1.68 11.88 -13.49
CA CYS B 47 -2.47 13.09 -13.69
C CYS B 47 -1.66 14.36 -13.53
N MET B 48 -0.91 14.45 -12.44
CA MET B 48 -0.23 15.67 -12.14
C MET B 48 0.88 15.87 -13.12
N LYS B 49 1.59 14.80 -13.44
CA LYS B 49 2.64 14.85 -14.45
C LYS B 49 2.12 15.43 -15.76
N ALA B 50 0.90 15.04 -16.12
CA ALA B 50 0.27 15.52 -17.36
C ALA B 50 -0.13 16.99 -17.22
N VAL B 51 -0.60 17.39 -16.04
CA VAL B 51 -0.95 18.79 -15.80
C VAL B 51 0.29 19.65 -15.94
N THR B 52 1.41 19.16 -15.38
CA THR B 52 2.69 19.87 -15.45
C THR B 52 3.22 19.98 -16.86
N GLU B 53 3.03 18.94 -17.64
CA GLU B 53 3.50 18.91 -19.01
C GLU B 53 2.77 19.87 -19.93
N GLN B 54 1.57 20.28 -19.56
CA GLN B 54 0.87 21.34 -20.29
C GLN B 54 1.68 22.63 -20.21
N GLY B 55 2.49 22.77 -19.16
CA GLY B 55 3.51 23.83 -19.10
C GLY B 55 3.11 25.17 -18.53
N ALA B 56 1.90 25.26 -17.99
CA ALA B 56 1.45 26.42 -17.21
C ALA B 56 2.04 26.28 -15.82
N GLU B 57 2.05 27.38 -15.07
CA GLU B 57 2.51 27.34 -13.68
C GLU B 57 1.46 26.64 -12.87
N LEU B 58 1.90 25.86 -11.90
CA LEU B 58 0.96 25.19 -11.03
C LEU B 58 0.54 26.14 -9.90
N SER B 59 -0.75 26.12 -9.59
CA SER B 59 -1.26 26.82 -8.42
C SER B 59 -0.79 26.11 -7.16
N ASN B 60 -1.10 26.69 -6.01
CA ASN B 60 -0.71 26.08 -4.76
C ASN B 60 -1.24 24.67 -4.58
N GLU B 61 -2.54 24.55 -4.72
CA GLU B 61 -3.20 23.27 -4.55
C GLU B 61 -2.59 22.25 -5.51
N GLU B 62 -2.31 22.69 -6.73
CA GLU B 62 -1.69 21.85 -7.75
C GLU B 62 -0.27 21.38 -7.36
N ARG B 63 0.58 22.29 -6.90
CA ARG B 63 1.90 21.91 -6.35
C ARG B 63 1.76 20.74 -5.40
N ASN B 64 0.85 20.86 -4.44
CA ASN B 64 0.77 19.90 -3.32
C ASN B 64 0.25 18.56 -3.77
N LEU B 65 -0.74 18.57 -4.65
CA LEU B 65 -1.18 17.36 -5.34
C LEU B 65 -0.01 16.66 -6.01
N LEU B 66 0.80 17.40 -6.76
CA LEU B 66 1.98 16.82 -7.38
C LEU B 66 2.96 16.29 -6.37
N SER B 67 3.18 17.06 -5.33
CA SER B 67 4.10 16.69 -4.26
C SER B 67 3.65 15.42 -3.53
N VAL B 68 2.42 15.41 -3.04
CA VAL B 68 1.89 14.26 -2.34
C VAL B 68 1.91 13.01 -3.23
N ALA B 69 1.58 13.17 -4.51
CA ALA B 69 1.48 12.00 -5.40
C ALA B 69 2.79 11.27 -5.46
N TYR B 70 3.82 12.00 -5.88
CA TYR B 70 5.14 11.45 -5.97
C TYR B 70 5.74 11.06 -4.62
N LYS B 71 5.42 11.80 -3.56
CA LYS B 71 5.88 11.43 -2.22
C LYS B 71 5.54 9.98 -1.86
N ASN B 72 4.28 9.62 -2.13
CA ASN B 72 3.78 8.28 -1.84
C ASN B 72 4.34 7.22 -2.81
N VAL B 73 4.37 7.55 -4.09
CA VAL B 73 4.91 6.61 -5.04
C VAL B 73 6.34 6.27 -4.64
N VAL B 74 7.22 7.27 -4.52
CA VAL B 74 8.62 7.01 -4.17
C VAL B 74 8.77 6.53 -2.76
N GLY B 75 7.92 6.97 -1.84
CA GLY B 75 8.05 6.57 -0.46
C GLY B 75 7.88 5.08 -0.25
N GLY B 76 7.08 4.47 -1.12
CA GLY B 76 6.79 3.07 -1.07
C GLY B 76 8.01 2.29 -1.38
N ARG B 77 8.83 2.78 -2.31
CA ARG B 77 10.09 2.12 -2.60
C ARG B 77 11.14 2.27 -1.52
N ARG B 78 11.21 3.44 -0.90
CA ARG B 78 12.26 3.69 0.09
C ARG B 78 12.06 2.81 1.30
N SER B 79 10.83 2.79 1.79
CA SER B 79 10.43 1.84 2.79
C SER B 79 10.91 0.38 2.49
N ALA B 80 10.52 -0.13 1.31
CA ALA B 80 10.88 -1.48 0.90
C ALA B 80 12.38 -1.66 0.89
N TRP B 81 13.09 -0.67 0.39
CA TRP B 81 14.53 -0.75 0.27
C TRP B 81 15.19 -0.90 1.65
N ARG B 82 14.66 -0.21 2.65
CA ARG B 82 15.20 -0.31 4.00
C ARG B 82 14.96 -1.68 4.57
N VAL B 83 13.74 -2.18 4.42
CA VAL B 83 13.38 -3.50 4.93
C VAL B 83 14.32 -4.55 4.34
N ILE B 84 14.54 -4.47 3.04
CA ILE B 84 15.36 -5.46 2.36
C ILE B 84 16.81 -5.38 2.81
N SER B 85 17.42 -4.21 2.70
CA SER B 85 18.81 -4.07 3.13
C SER B 85 18.99 -4.48 4.60
N SER B 86 18.04 -4.11 5.47
CA SER B 86 18.09 -4.53 6.87
C SER B 86 18.13 -6.07 6.99
N ILE B 87 17.26 -6.74 6.25
CA ILE B 87 17.24 -8.20 6.20
C ILE B 87 18.56 -8.76 5.64
N GLU B 88 19.16 -8.04 4.70
CA GLU B 88 20.46 -8.41 4.12
C GLU B 88 21.62 -8.25 5.13
N GLN B 89 21.72 -7.05 5.70
CA GLN B 89 22.66 -6.75 6.79
C GLN B 89 22.52 -7.71 7.99
N LYS B 90 21.32 -8.26 8.23
CA LYS B 90 21.11 -9.27 9.29
C LYS B 90 21.51 -10.64 8.78
N THR B 91 22.42 -10.70 7.81
CA THR B 91 22.78 -11.96 7.18
C THR B 91 24.13 -11.84 6.48
N LYS B 96 24.41 -18.03 -0.43
CA LYS B 96 23.51 -18.53 -1.47
C LYS B 96 22.25 -17.68 -1.63
N LYS B 97 21.47 -17.59 -0.56
CA LYS B 97 20.26 -16.78 -0.58
C LYS B 97 20.59 -15.28 -0.65
N LEU B 98 21.81 -14.86 -0.27
CA LEU B 98 22.20 -13.41 -0.26
C LEU B 98 22.35 -12.79 -1.66
N GLN B 99 22.74 -13.58 -2.67
CA GLN B 99 22.65 -13.07 -4.04
C GLN B 99 21.19 -12.79 -4.39
N LEU B 100 20.26 -13.66 -3.98
CA LEU B 100 18.81 -13.46 -4.25
C LEU B 100 18.22 -12.17 -3.63
N ILE B 101 18.52 -11.94 -2.35
CA ILE B 101 18.13 -10.71 -1.66
C ILE B 101 18.70 -9.46 -2.35
N LYS B 102 19.99 -9.53 -2.68
CA LYS B 102 20.70 -8.41 -3.27
C LYS B 102 20.05 -8.04 -4.60
N ASP B 103 19.76 -9.06 -5.40
CA ASP B 103 19.07 -8.84 -6.67
C ASP B 103 17.75 -8.09 -6.47
N TYR B 104 17.03 -8.43 -5.41
CA TYR B 104 15.72 -7.87 -5.17
C TYR B 104 15.86 -6.45 -4.70
N ARG B 105 16.86 -6.19 -3.86
CA ARG B 105 17.21 -4.82 -3.48
C ARG B 105 17.46 -3.94 -4.70
N GLU B 106 18.16 -4.49 -5.67
CA GLU B 106 18.45 -3.74 -6.88
C GLU B 106 17.21 -3.56 -7.75
N LYS B 107 16.29 -4.52 -7.80
CA LYS B 107 15.07 -4.24 -8.55
C LYS B 107 14.40 -2.98 -7.96
N VAL B 108 14.32 -2.91 -6.63
CA VAL B 108 13.72 -1.76 -5.98
C VAL B 108 14.52 -0.48 -6.28
N GLU B 109 15.84 -0.55 -6.14
CA GLU B 109 16.68 0.57 -6.56
C GLU B 109 16.35 1.10 -7.98
N SER B 110 16.31 0.21 -8.99
CA SER B 110 15.92 0.64 -10.34
C SER B 110 14.62 1.43 -10.36
N GLU B 111 13.63 0.93 -9.63
CA GLU B 111 12.34 1.61 -9.54
C GLU B 111 12.51 2.99 -8.90
N LEU B 112 13.30 3.05 -7.83
CA LEU B 112 13.49 4.29 -7.09
C LEU B 112 14.05 5.35 -8.01
N ARG B 113 14.99 4.93 -8.84
CA ARG B 113 15.65 5.85 -9.77
C ARG B 113 14.77 6.40 -10.88
N SER B 114 13.96 5.55 -11.51
CA SER B 114 13.07 6.06 -12.56
C SER B 114 12.17 7.13 -12.01
N ILE B 115 11.64 6.84 -10.83
CA ILE B 115 10.72 7.72 -10.16
C ILE B 115 11.44 9.04 -9.89
N CYS B 116 12.64 8.96 -9.32
CA CYS B 116 13.43 10.16 -9.07
C CYS B 116 13.76 10.91 -10.35
N THR B 117 14.24 10.16 -11.34
CA THR B 117 14.55 10.74 -12.64
C THR B 117 13.36 11.44 -13.25
N THR B 118 12.22 10.78 -13.15
CA THR B 118 11.01 11.35 -13.67
C THR B 118 10.71 12.70 -13.03
N VAL B 119 10.80 12.73 -11.70
CA VAL B 119 10.51 13.92 -10.93
C VAL B 119 11.56 15.01 -11.22
N LEU B 120 12.84 14.62 -11.23
CA LEU B 120 13.91 15.58 -11.46
C LEU B 120 13.76 16.22 -12.83
N GLU B 121 13.30 15.40 -13.76
CA GLU B 121 13.09 15.81 -15.12
C GLU B 121 12.00 16.86 -15.15
N LEU B 122 10.87 16.57 -14.51
CA LEU B 122 9.78 17.54 -14.38
C LEU B 122 10.22 18.87 -13.77
N LEU B 123 10.97 18.78 -12.67
CA LEU B 123 11.49 19.98 -12.03
C LEU B 123 12.37 20.78 -13.00
N ASP B 124 13.24 20.11 -13.76
CA ASP B 124 14.14 20.84 -14.68
C ASP B 124 13.47 21.36 -15.95
N LYS B 125 12.66 20.53 -16.60
CA LYS B 125 12.08 20.90 -17.87
C LYS B 125 10.95 21.91 -17.69
N TYR B 126 10.28 21.87 -16.53
CA TYR B 126 9.04 22.63 -16.36
C TYR B 126 8.99 23.52 -15.12
N LEU B 127 9.07 22.92 -13.94
CA LEU B 127 8.58 23.58 -12.74
C LEU B 127 9.43 24.75 -12.29
N ILE B 128 10.73 24.48 -12.13
CA ILE B 128 11.70 25.50 -11.77
C ILE B 128 11.83 26.49 -12.92
N ALA B 129 12.04 26.00 -14.14
CA ALA B 129 12.11 26.86 -15.33
C ALA B 129 11.14 28.03 -15.22
N ASN B 130 9.87 27.74 -14.93
CA ASN B 130 8.78 28.74 -14.97
C ASN B 130 8.35 29.25 -13.62
N ALA B 131 9.22 29.19 -12.61
CA ALA B 131 8.78 29.45 -11.24
C ALA B 131 8.13 30.82 -11.03
N THR B 132 8.72 31.92 -11.48
CA THR B 132 7.97 33.21 -11.48
C THR B 132 7.57 33.79 -10.09
N ASN B 133 8.03 33.20 -9.00
CA ASN B 133 7.93 33.83 -7.70
C ASN B 133 8.77 33.02 -6.67
N PRO B 134 9.27 33.69 -5.62
CA PRO B 134 10.13 33.05 -4.63
C PRO B 134 9.55 31.83 -3.89
N GLU B 135 8.32 31.91 -3.38
CA GLU B 135 7.70 30.77 -2.68
C GLU B 135 7.72 29.46 -3.50
N SER B 136 7.30 29.58 -4.76
CA SER B 136 7.31 28.46 -5.70
C SER B 136 8.68 27.96 -5.99
N LYS B 137 9.59 28.87 -6.35
CA LYS B 137 11.00 28.51 -6.57
C LYS B 137 11.51 27.67 -5.35
N VAL B 138 11.20 28.12 -4.14
CA VAL B 138 11.71 27.43 -2.94
C VAL B 138 11.16 26.03 -2.79
N PHE B 139 9.85 25.91 -3.03
CA PHE B 139 9.20 24.60 -3.09
C PHE B 139 9.89 23.66 -4.08
N TYR B 140 10.09 24.11 -5.32
CA TYR B 140 10.68 23.21 -6.33
C TYR B 140 12.15 22.89 -6.05
N LEU B 141 12.92 23.86 -5.59
CA LEU B 141 14.29 23.59 -5.28
C LEU B 141 14.38 22.63 -4.10
N LYS B 142 13.52 22.81 -3.08
CA LYS B 142 13.48 21.86 -1.96
C LYS B 142 13.21 20.44 -2.47
N MET B 143 12.31 20.35 -3.45
CA MET B 143 11.90 19.08 -3.95
C MET B 143 13.03 18.40 -4.72
N LYS B 144 13.65 19.16 -5.62
CA LYS B 144 14.89 18.76 -6.26
C LYS B 144 15.91 18.29 -5.23
N GLY B 145 16.04 19.03 -4.15
CA GLY B 145 16.84 18.58 -3.00
C GLY B 145 16.42 17.22 -2.46
N ASP B 146 15.12 17.05 -2.23
CA ASP B 146 14.62 15.81 -1.63
C ASP B 146 14.82 14.60 -2.54
N TYR B 147 14.47 14.75 -3.81
CA TYR B 147 14.60 13.62 -4.71
C TYR B 147 16.06 13.25 -4.96
N PHE B 148 16.95 14.20 -5.02
CA PHE B 148 18.36 13.81 -5.04
C PHE B 148 18.75 13.12 -3.72
N ARG B 149 18.16 13.54 -2.61
CA ARG B 149 18.48 12.89 -1.35
C ARG B 149 18.02 11.42 -1.32
N TYR B 150 16.84 11.17 -1.88
CA TYR B 150 16.35 9.82 -2.00
C TYR B 150 17.27 8.97 -2.82
N LEU B 151 17.82 9.54 -3.89
CA LEU B 151 18.84 8.85 -4.67
C LEU B 151 20.05 8.59 -3.84
N ALA B 152 20.46 9.57 -3.04
CA ALA B 152 21.70 9.41 -2.26
C ALA B 152 21.58 8.30 -1.22
N GLU B 153 20.38 8.08 -0.71
CA GLU B 153 20.15 7.01 0.27
C GLU B 153 20.54 5.64 -0.27
N VAL B 154 20.50 5.48 -1.59
CA VAL B 154 20.81 4.19 -2.20
C VAL B 154 22.03 4.25 -3.13
N ALA B 155 22.56 5.43 -3.40
CA ALA B 155 23.74 5.58 -4.26
C ALA B 155 24.99 4.98 -3.61
N CYS B 156 26.03 4.82 -4.41
CA CYS B 156 27.36 4.29 -3.95
C CYS B 156 28.54 4.82 -4.81
N GLY B 157 29.76 4.41 -4.51
CA GLY B 157 30.96 5.00 -5.16
C GLY B 157 30.88 6.52 -5.37
N ASP B 158 31.19 6.95 -6.59
CA ASP B 158 31.25 8.40 -6.94
C ASP B 158 29.89 8.94 -7.44
N ASP B 159 29.05 8.02 -7.92
CA ASP B 159 27.62 8.24 -8.10
C ASP B 159 27.09 8.90 -6.83
N ARG B 160 27.54 8.40 -5.67
CA ARG B 160 27.11 8.95 -4.40
C ARG B 160 27.54 10.40 -4.24
N LYS B 161 28.78 10.72 -4.60
CA LYS B 161 29.28 12.07 -4.49
C LYS B 161 28.49 13.05 -5.37
N GLN B 162 28.31 12.72 -6.64
CA GLN B 162 27.58 13.60 -7.57
C GLN B 162 26.19 13.89 -7.04
N THR B 163 25.46 12.83 -6.74
CA THR B 163 24.15 12.89 -6.14
C THR B 163 24.10 13.80 -4.94
N ILE B 164 25.01 13.61 -4.00
CA ILE B 164 25.04 14.45 -2.80
C ILE B 164 25.29 15.95 -3.09
N ASP B 165 26.30 16.24 -3.89
CA ASP B 165 26.51 17.57 -4.34
C ASP B 165 25.22 18.15 -4.92
N ASN B 166 24.57 17.43 -5.83
CA ASN B 166 23.37 17.97 -6.47
C ASN B 166 22.26 18.32 -5.50
N SER B 167 22.08 17.47 -4.49
CA SER B 167 21.11 17.70 -3.43
C SER B 167 21.47 18.95 -2.64
N GLN B 168 22.74 19.02 -2.21
CA GLN B 168 23.21 20.14 -1.42
C GLN B 168 23.06 21.46 -2.13
N GLY B 169 23.40 21.51 -3.42
CA GLY B 169 23.24 22.73 -4.20
C GLY B 169 21.81 23.23 -4.22
N ALA B 170 20.86 22.31 -4.35
CA ALA B 170 19.46 22.68 -4.45
C ALA B 170 18.93 23.21 -3.12
N TYR B 171 19.14 22.46 -2.07
CA TYR B 171 18.76 22.89 -0.75
C TYR B 171 19.39 24.25 -0.45
N GLN B 172 20.68 24.40 -0.68
CA GLN B 172 21.35 25.65 -0.32
C GLN B 172 20.71 26.84 -1.05
N GLU B 173 20.44 26.68 -2.34
CA GLU B 173 19.85 27.78 -3.07
C GLU B 173 18.46 28.10 -2.53
N ALA B 174 17.67 27.06 -2.30
CA ALA B 174 16.40 27.20 -1.65
C ALA B 174 16.52 27.88 -0.28
N PHE B 175 17.50 27.46 0.51
CA PHE B 175 17.68 28.00 1.86
C PHE B 175 17.90 29.52 1.81
N ASP B 176 18.76 29.95 0.90
CA ASP B 176 19.07 31.36 0.75
C ASP B 176 17.83 32.13 0.36
N ILE B 177 17.17 31.69 -0.70
CA ILE B 177 15.99 32.40 -1.11
C ILE B 177 14.96 32.44 0.02
N SER B 178 14.73 31.31 0.68
CA SER B 178 13.72 31.29 1.76
C SER B 178 14.05 32.31 2.84
N LYS B 179 15.32 32.38 3.24
CA LYS B 179 15.75 33.40 4.20
C LYS B 179 15.56 34.84 3.67
N LYS B 180 15.74 35.05 2.36
CA LYS B 180 15.67 36.39 1.81
C LYS B 180 14.22 36.87 1.69
N GLU B 181 13.28 35.93 1.48
CA GLU B 181 11.92 36.24 0.96
C GLU B 181 10.74 35.85 1.84
N MET B 182 10.91 34.91 2.74
CA MET B 182 9.79 34.33 3.46
C MET B 182 9.90 34.49 4.98
N GLN B 183 8.73 34.54 5.60
CA GLN B 183 8.65 34.61 7.04
C GLN B 183 9.14 33.27 7.62
N PRO B 184 9.81 33.31 8.79
CA PRO B 184 10.35 32.12 9.41
C PRO B 184 9.32 31.11 9.92
N THR B 185 8.05 31.51 9.91
CA THR B 185 6.93 30.62 10.19
C THR B 185 6.35 29.98 8.94
N HIS B 186 6.72 30.46 7.77
CA HIS B 186 6.17 29.88 6.55
C HIS B 186 6.41 28.36 6.50
N PRO B 187 5.34 27.58 6.32
CA PRO B 187 5.53 26.13 6.32
C PRO B 187 6.50 25.62 5.29
N ILE B 188 6.59 26.26 4.12
CA ILE B 188 7.54 25.78 3.10
C ILE B 188 8.96 25.93 3.60
N ARG B 189 9.24 27.11 4.17
CA ARG B 189 10.56 27.39 4.67
C ARG B 189 10.93 26.50 5.82
N LEU B 190 10.02 26.35 6.78
CA LEU B 190 10.20 25.37 7.85
C LEU B 190 10.41 23.94 7.35
N GLY B 191 9.54 23.50 6.45
CA GLY B 191 9.73 22.22 5.76
C GLY B 191 11.11 22.08 5.11
N LEU B 192 11.53 23.12 4.41
CA LEU B 192 12.87 23.08 3.81
C LEU B 192 13.98 22.92 4.86
N ALA B 193 13.90 23.70 5.94
CA ALA B 193 14.82 23.58 7.07
C ALA B 193 14.80 22.16 7.63
N LEU B 194 13.61 21.62 7.81
CA LEU B 194 13.51 20.25 8.28
C LEU B 194 14.27 19.29 7.39
N ASN B 195 14.02 19.36 6.08
CA ASN B 195 14.62 18.38 5.19
C ASN B 195 16.13 18.65 5.03
N PHE B 196 16.51 19.91 4.93
CA PHE B 196 17.93 20.22 4.88
C PHE B 196 18.70 19.73 6.10
N SER B 197 18.11 19.82 7.28
CA SER B 197 18.81 19.32 8.48
C SER B 197 18.94 17.81 8.44
N VAL B 198 17.92 17.16 7.90
CA VAL B 198 17.93 15.70 7.82
C VAL B 198 19.04 15.27 6.91
N PHE B 199 19.17 15.98 5.79
CA PHE B 199 20.28 15.82 4.87
C PHE B 199 21.60 15.93 5.60
N TYR B 200 21.74 17.01 6.36
CA TYR B 200 22.97 17.18 7.17
C TYR B 200 23.15 15.99 8.09
N TYR B 201 22.08 15.58 8.77
CA TYR B 201 22.23 14.54 9.78
C TYR B 201 22.50 13.17 9.19
N GLU B 202 21.82 12.79 8.13
CA GLU B 202 21.88 11.38 7.70
C GLU B 202 22.74 11.15 6.45
N ILE B 203 22.79 12.14 5.55
CA ILE B 203 23.58 12.04 4.35
C ILE B 203 25.01 12.55 4.56
N LEU B 204 25.19 13.78 5.02
CA LEU B 204 26.53 14.29 5.27
C LEU B 204 27.07 13.75 6.57
N ASN B 205 26.16 13.41 7.46
CA ASN B 205 26.54 12.89 8.76
C ASN B 205 27.20 13.90 9.71
N ASN B 206 26.99 15.20 9.49
CA ASN B 206 27.43 16.25 10.43
C ASN B 206 26.29 16.49 11.43
N PRO B 207 26.27 15.75 12.54
CA PRO B 207 25.07 15.84 13.34
C PRO B 207 24.90 17.21 14.03
N GLU B 208 25.98 17.89 14.40
CA GLU B 208 25.81 19.16 15.15
C GLU B 208 25.26 20.26 14.25
N LEU B 209 25.69 20.30 12.99
CA LEU B 209 25.15 21.27 12.04
C LEU B 209 23.67 21.01 11.81
N ALA B 210 23.31 19.72 11.74
CA ALA B 210 21.93 19.31 11.60
C ALA B 210 21.09 19.89 12.70
N CYS B 211 21.57 19.77 13.92
CA CYS B 211 20.90 20.37 15.06
C CYS B 211 20.82 21.87 15.03
N THR B 212 21.91 22.52 14.71
CA THR B 212 21.90 23.96 14.65
C THR B 212 20.94 24.44 13.57
N LEU B 213 20.88 23.73 12.45
CA LEU B 213 20.03 24.11 11.34
C LEU B 213 18.54 24.09 11.76
N ALA B 214 18.17 23.00 12.41
CA ALA B 214 16.82 22.84 12.96
C ALA B 214 16.52 23.76 14.14
N LYS B 215 17.38 23.77 15.16
CA LYS B 215 17.13 24.63 16.32
C LYS B 215 16.94 26.06 15.87
N THR B 216 17.75 26.51 14.93
CA THR B 216 17.63 27.90 14.47
C THR B 216 16.26 28.16 13.88
N ALA B 217 15.86 27.35 12.90
CA ALA B 217 14.59 27.54 12.22
C ALA B 217 13.48 27.52 13.28
N PHE B 218 13.50 26.49 14.11
CA PHE B 218 12.54 26.36 15.19
C PHE B 218 12.44 27.63 16.01
N ASP B 219 13.55 28.04 16.59
CA ASP B 219 13.58 29.20 17.49
C ASP B 219 13.05 30.46 16.79
N GLU B 220 13.52 30.71 15.57
CA GLU B 220 13.13 31.91 14.85
C GLU B 220 11.64 31.91 14.51
N ALA B 221 11.08 30.72 14.30
CA ALA B 221 9.64 30.60 14.11
C ALA B 221 8.92 30.83 15.43
N ILE B 222 9.39 30.15 16.48
CA ILE B 222 8.73 30.28 17.78
C ILE B 222 8.55 31.77 18.17
N ALA B 223 9.54 32.60 17.88
CA ALA B 223 9.45 34.04 18.13
C ALA B 223 8.24 34.67 17.46
N GLU B 224 8.10 34.47 16.15
CA GLU B 224 7.07 35.17 15.39
C GLU B 224 5.70 34.43 15.31
N LEU B 225 5.43 33.51 16.25
CA LEU B 225 4.13 32.78 16.31
C LEU B 225 2.97 33.63 16.86
N ASP B 226 3.32 34.62 17.71
CA ASP B 226 2.39 35.68 18.20
C ASP B 226 1.61 36.36 17.07
N THR B 227 2.12 36.21 15.84
CA THR B 227 1.43 36.47 14.56
C THR B 227 0.21 35.60 14.34
N SER B 232 -3.70 29.62 10.02
CA SER B 232 -2.48 29.07 9.42
C SER B 232 -1.53 28.37 10.42
N TYR B 233 -1.48 28.90 11.66
CA TYR B 233 -0.73 28.36 12.83
C TYR B 233 -0.56 26.84 12.80
N LYS B 234 -1.67 26.13 12.73
CA LYS B 234 -1.66 24.66 12.60
C LYS B 234 -0.72 24.12 11.52
N ASP B 235 -0.60 24.82 10.39
CA ASP B 235 0.29 24.40 9.27
C ASP B 235 1.78 24.42 9.69
N SER B 236 2.14 25.51 10.36
CA SER B 236 3.49 25.75 10.83
C SER B 236 3.87 24.83 11.95
N THR B 237 2.98 24.66 12.93
CA THR B 237 3.33 23.88 14.13
C THR B 237 3.41 22.37 13.88
N LEU B 238 2.65 21.87 12.90
CA LEU B 238 2.80 20.48 12.46
C LEU B 238 4.27 20.19 12.13
N ILE B 239 4.91 21.13 11.41
CA ILE B 239 6.30 21.01 11.00
C ILE B 239 7.27 21.28 12.15
N MET B 240 6.92 22.21 13.01
CA MET B 240 7.80 22.49 14.14
C MET B 240 7.89 21.35 15.11
N GLN B 241 6.77 20.65 15.28
CA GLN B 241 6.76 19.46 16.07
C GLN B 241 7.82 18.52 15.56
N LEU B 242 7.88 18.38 14.23
CA LEU B 242 8.87 17.51 13.60
C LEU B 242 10.32 17.98 13.89
N LEU B 243 10.56 19.28 13.76
CA LEU B 243 11.86 19.85 14.10
C LEU B 243 12.21 19.45 15.52
N ARG B 244 11.32 19.78 16.46
CA ARG B 244 11.56 19.54 17.87
C ARG B 244 11.79 18.03 18.15
N ASP B 245 11.09 17.17 17.42
CA ASP B 245 11.20 15.74 17.65
C ASP B 245 12.55 15.26 17.21
N ASN B 246 12.91 15.60 15.97
CA ASN B 246 14.23 15.31 15.47
C ASN B 246 15.34 15.77 16.44
N LEU B 247 15.23 16.99 16.96
CA LEU B 247 16.24 17.48 17.91
C LEU B 247 16.35 16.63 19.17
N THR B 248 15.21 16.19 19.67
CA THR B 248 15.24 15.38 20.86
C THR B 248 15.99 14.07 20.61
N LEU B 249 15.67 13.45 19.48
CA LEU B 249 16.31 12.21 19.07
C LEU B 249 17.82 12.37 18.84
N TRP B 250 18.20 13.38 18.03
CA TRP B 250 19.60 13.66 17.70
C TRP B 250 20.39 14.22 18.91
N THR B 251 19.74 14.29 20.07
CA THR B 251 20.44 14.53 21.36
C THR B 251 20.06 13.41 22.40
N SER B 252 19.76 12.20 21.91
CA SER B 252 19.47 11.03 22.73
C SER B 252 20.46 9.93 22.35
N ARG C 1 -16.68 -0.46 10.51
CA ARG C 1 -16.09 -1.73 9.98
C ARG C 1 -16.86 -3.00 10.49
N GLN C 2 -17.46 -3.72 9.52
CA GLN C 2 -17.62 -5.20 9.61
C GLN C 2 -16.23 -5.76 9.42
N ARG C 3 -15.98 -6.98 9.80
CA ARG C 3 -14.65 -7.47 9.59
C ARG C 3 -14.69 -8.91 9.19
N ALA C 5 -12.33 -12.58 8.06
CA ALA C 5 -11.15 -13.32 8.40
C ALA C 5 -9.90 -12.59 7.93
N PRO C 6 -8.85 -12.53 8.77
CA PRO C 6 -7.53 -12.12 8.26
C PRO C 6 -7.09 -13.02 7.08
N ARG D 1 12.02 6.74 14.42
CA ARG D 1 11.71 7.66 13.28
C ARG D 1 12.47 9.02 13.35
N GLN D 2 13.38 9.25 12.37
CA GLN D 2 13.73 10.63 11.91
C GLN D 2 12.48 11.02 11.08
N ARG D 3 12.21 12.30 10.93
CA ARG D 3 11.02 12.68 10.22
C ARG D 3 11.39 13.82 9.26
N ALA D 5 9.73 16.59 6.04
CA ALA D 5 8.57 17.37 5.71
C ALA D 5 7.44 16.47 5.23
N PRO D 6 6.23 16.65 5.79
CA PRO D 6 5.02 16.13 5.15
C PRO D 6 5.02 16.52 3.70
#